data_8S6E
#
_entry.id   8S6E
#
_cell.length_a   43.87
_cell.length_b   69.16
_cell.length_c   128.98
_cell.angle_alpha   90.00
_cell.angle_beta   90.00
_cell.angle_gamma   90.00
#
_symmetry.space_group_name_H-M   'P 21 21 21'
#
loop_
_entity.id
_entity.type
_entity.pdbx_description
1 polymer 'MenW.01 Heavy chain'
2 polymer 'MenW.01 Light chain'
3 non-polymer 'SODIUM ION'
4 water water
#
loop_
_entity_poly.entity_id
_entity_poly.type
_entity_poly.pdbx_seq_one_letter_code
_entity_poly.pdbx_strand_id
1 'polypeptide(L)'
;QVKLEQSGPELVKPGASVRISCKASGYTFTNYYMYWLKQRPGQGLEWIGWIYPGNVNTEYNEKFKGKATLTADKSSSTTY
MQLSSLTSEDSAVYFCARSVFAYWGQGTLVTVSAAKTTPPSVYPLAPGSAAQTNSMVTLGCLVKGYFPEPVTVTWNSGSL
SSGVHTFPAVLQSDLYTLSSSVTVPSSTWPSETVTCNVAHPASSTKVDKKIVPRDCGKHHHHHH
;
A
2 'polypeptide(L)'
;DIVLTQSPSSLSASLGERVSLTCRASQDIGSRLNWLQQKPDGTIKRLIHGTSNLDSGVPKRFSGSRSGSDYSLTISSLES
EDFVDYYCLQYDSSPFTIGSGTRLEIKRADAAPTVSIFPPSSEQLTSGGASVVCFLNNFYPKDINVKWKIDGSERQNGVL
NSWTDQDSKDSTYSMSSTLTLTKDEYERHNSYTCEATHKTSTSPIVKSFNRNEC
;
B
#
# COMPACT_ATOMS: atom_id res chain seq x y z
N GLN A 1 10.73 -23.00 -17.83
CA GLN A 1 12.07 -23.47 -17.48
C GLN A 1 12.98 -22.30 -17.08
N VAL A 2 12.68 -21.15 -17.58
CA VAL A 2 13.47 -19.96 -17.15
C VAL A 2 13.09 -19.57 -15.76
N LYS A 3 14.06 -19.35 -14.85
CA LYS A 3 13.71 -18.91 -13.49
C LYS A 3 14.61 -17.79 -13.05
N LEU A 4 14.02 -16.79 -12.34
CA LEU A 4 14.84 -15.70 -11.82
C LEU A 4 14.58 -15.68 -10.29
N GLU A 5 15.59 -15.86 -9.56
CA GLU A 5 15.45 -15.96 -8.11
C GLU A 5 16.20 -14.84 -7.38
N GLN A 6 15.52 -13.84 -6.75
CA GLN A 6 16.17 -12.79 -6.08
C GLN A 6 16.43 -13.06 -4.58
N SER A 7 17.33 -12.32 -4.02
CA SER A 7 17.66 -12.38 -2.61
C SER A 7 16.48 -11.80 -1.79
N GLY A 8 16.49 -12.09 -0.50
CA GLY A 8 15.39 -11.60 0.36
C GLY A 8 15.37 -10.12 0.70
N PRO A 9 14.39 -9.72 1.48
CA PRO A 9 14.20 -8.31 1.90
C PRO A 9 15.33 -7.74 2.71
N GLU A 10 15.57 -6.42 2.58
CA GLU A 10 16.67 -5.80 3.32
C GLU A 10 16.21 -4.56 4.11
N LEU A 11 16.87 -4.31 5.24
CA LEU A 11 16.66 -3.10 6.08
C LEU A 11 17.99 -2.38 6.05
N VAL A 12 18.01 -1.13 5.56
CA VAL A 12 19.30 -0.46 5.39
C VAL A 12 19.20 0.97 5.92
N LYS A 13 20.35 1.53 6.35
CA LYS A 13 20.34 2.87 6.90
C LYS A 13 20.47 3.95 5.87
N PRO A 14 19.89 5.17 6.08
CA PRO A 14 20.09 6.15 5.05
C PRO A 14 21.62 6.44 4.94
N GLY A 15 22.08 6.69 3.74
CA GLY A 15 23.50 6.97 3.47
C GLY A 15 24.32 5.71 3.23
N ALA A 16 23.73 4.54 3.41
CA ALA A 16 24.48 3.31 3.29
C ALA A 16 24.17 2.81 1.91
N SER A 17 24.62 1.61 1.59
CA SER A 17 24.32 1.10 0.27
C SER A 17 23.81 -0.37 0.39
N VAL A 18 23.23 -0.92 -0.66
CA VAL A 18 22.75 -2.33 -0.54
C VAL A 18 22.91 -3.05 -1.86
N ARG A 19 23.26 -4.34 -1.82
CA ARG A 19 23.45 -5.08 -3.06
C ARG A 19 22.36 -6.14 -3.13
N ILE A 20 21.60 -6.20 -4.25
CA ILE A 20 20.47 -7.16 -4.49
C ILE A 20 20.93 -8.13 -5.55
N SER A 21 20.49 -9.42 -5.48
CA SER A 21 20.97 -10.35 -6.51
C SER A 21 19.78 -11.04 -7.15
N CYS A 22 20.05 -11.58 -8.36
CA CYS A 22 19.02 -12.22 -9.17
C CYS A 22 19.72 -13.39 -9.86
N LYS A 23 19.54 -14.55 -9.34
CA LYS A 23 20.13 -15.76 -9.93
C LYS A 23 19.30 -16.34 -11.04
N ALA A 24 19.85 -16.38 -12.22
CA ALA A 24 19.12 -16.93 -13.39
C ALA A 24 19.36 -18.38 -13.69
N SER A 25 18.35 -19.07 -14.18
CA SER A 25 18.58 -20.46 -14.58
C SER A 25 17.67 -20.81 -15.72
N GLY A 26 18.01 -21.91 -16.41
CA GLY A 26 17.18 -22.48 -17.48
C GLY A 26 17.39 -21.98 -18.88
N TYR A 27 18.40 -21.12 -19.09
CA TYR A 27 18.64 -20.58 -20.44
C TYR A 27 20.06 -20.18 -20.42
N THR A 28 20.66 -19.82 -21.58
CA THR A 28 22.05 -19.43 -21.57
C THR A 28 22.09 -17.95 -21.18
N PHE A 29 22.68 -17.70 -20.06
CA PHE A 29 22.69 -16.39 -19.44
C PHE A 29 23.29 -15.32 -20.33
N THR A 30 24.30 -15.68 -21.16
CA THR A 30 24.97 -14.65 -21.92
C THR A 30 24.30 -14.28 -23.18
N ASN A 31 23.28 -15.01 -23.52
CA ASN A 31 22.60 -14.68 -24.75
C ASN A 31 21.44 -13.71 -24.60
N TYR A 32 21.08 -13.33 -23.35
CA TYR A 32 19.91 -12.45 -23.09
C TYR A 32 20.21 -11.24 -22.19
N TYR A 33 19.42 -10.22 -22.43
CA TYR A 33 19.53 -9.04 -21.63
C TYR A 33 18.78 -9.24 -20.29
N MET A 34 19.31 -8.61 -19.26
CA MET A 34 18.75 -8.57 -17.91
C MET A 34 18.34 -7.21 -17.58
N TYR A 35 17.13 -7.07 -16.97
CA TYR A 35 16.62 -5.75 -16.57
C TYR A 35 16.40 -5.60 -15.09
N TRP A 36 16.54 -4.37 -14.59
CA TRP A 36 16.18 -4.08 -13.17
C TRP A 36 15.09 -2.96 -13.16
N LEU A 37 14.08 -3.13 -12.30
CA LEU A 37 12.94 -2.23 -12.17
C LEU A 37 12.71 -1.85 -10.72
N LYS A 38 12.08 -0.72 -10.45
CA LYS A 38 11.79 -0.23 -9.13
C LYS A 38 10.30 0.00 -8.94
N GLN A 39 9.78 -0.27 -7.75
CA GLN A 39 8.34 -0.04 -7.50
C GLN A 39 8.15 0.51 -6.10
N ARG A 40 7.91 1.84 -6.01
CA ARG A 40 7.61 2.42 -4.72
C ARG A 40 6.30 1.87 -4.21
N PRO A 41 6.12 1.70 -2.89
CA PRO A 41 4.84 1.13 -2.49
C PRO A 41 3.65 1.89 -2.91
N GLY A 42 2.66 1.17 -3.40
CA GLY A 42 1.44 1.77 -3.86
C GLY A 42 1.58 2.50 -5.20
N GLN A 43 2.81 2.52 -5.83
CA GLN A 43 2.97 3.24 -7.08
C GLN A 43 3.29 2.26 -8.24
N GLY A 44 3.54 2.86 -9.38
CA GLY A 44 3.81 2.05 -10.59
C GLY A 44 5.23 1.61 -10.81
N LEU A 45 5.42 0.77 -11.82
CA LEU A 45 6.75 0.28 -12.14
C LEU A 45 7.64 1.38 -12.76
N GLU A 46 8.91 1.33 -12.47
CA GLU A 46 9.87 2.28 -13.06
C GLU A 46 11.02 1.43 -13.68
N TRP A 47 11.54 1.81 -14.91
CA TRP A 47 12.64 1.05 -15.51
C TRP A 47 13.93 1.62 -15.05
N ILE A 48 14.87 0.77 -14.49
CA ILE A 48 16.15 1.22 -14.03
C ILE A 48 17.19 1.07 -15.12
N GLY A 49 17.29 -0.11 -15.75
CA GLY A 49 18.32 -0.20 -16.81
C GLY A 49 18.56 -1.61 -17.29
N TRP A 50 19.48 -1.84 -18.28
CA TRP A 50 19.71 -3.20 -18.65
C TRP A 50 21.17 -3.49 -18.58
N ILE A 51 21.49 -4.77 -18.53
CA ILE A 51 22.92 -5.22 -18.58
C ILE A 51 22.90 -6.44 -19.51
N TYR A 52 23.91 -6.53 -20.38
CA TYR A 52 23.96 -7.66 -21.28
C TYR A 52 25.12 -8.45 -20.74
N PRO A 53 24.90 -9.67 -20.20
CA PRO A 53 25.93 -10.50 -19.62
C PRO A 53 27.07 -10.92 -20.50
N GLY A 54 26.85 -11.05 -21.76
CA GLY A 54 27.97 -11.48 -22.62
C GLY A 54 29.19 -10.57 -22.59
N ASN A 55 28.98 -9.27 -22.40
CA ASN A 55 30.11 -8.30 -22.34
C ASN A 55 29.94 -7.34 -21.17
N VAL A 56 28.89 -7.56 -20.39
CA VAL A 56 28.55 -6.73 -19.23
C VAL A 56 28.40 -5.25 -19.57
N ASN A 57 28.03 -4.95 -20.83
CA ASN A 57 27.71 -3.57 -21.21
C ASN A 57 26.39 -3.24 -20.49
N THR A 58 26.16 -1.97 -20.26
CA THR A 58 24.96 -1.55 -19.54
C THR A 58 24.46 -0.25 -20.09
N GLU A 59 23.15 -0.03 -19.96
CA GLU A 59 22.52 1.24 -20.31
C GLU A 59 21.46 1.51 -19.20
N TYR A 60 21.41 2.77 -18.73
CA TYR A 60 20.52 3.19 -17.66
C TYR A 60 19.49 4.17 -18.02
N ASN A 61 18.39 4.14 -17.22
CA ASN A 61 17.38 5.16 -17.33
C ASN A 61 18.19 6.35 -16.76
N GLU A 62 18.14 7.53 -17.37
CA GLU A 62 19.01 8.58 -16.86
C GLU A 62 18.72 8.93 -15.40
N LYS A 63 17.50 8.75 -15.02
CA LYS A 63 17.12 9.01 -13.64
C LYS A 63 17.89 8.18 -12.62
N PHE A 64 18.37 6.97 -13.04
CA PHE A 64 19.00 6.11 -12.01
C PHE A 64 20.48 6.00 -12.17
N LYS A 65 21.00 6.68 -13.20
CA LYS A 65 22.40 6.63 -13.45
C LYS A 65 23.12 7.17 -12.26
N GLY A 66 24.10 6.43 -11.82
CA GLY A 66 24.87 6.76 -10.64
C GLY A 66 24.30 6.26 -9.34
N LYS A 67 22.92 6.13 -9.28
CA LYS A 67 22.22 5.67 -8.09
C LYS A 67 22.22 4.12 -7.98
N ALA A 68 22.05 3.51 -9.16
CA ALA A 68 22.01 2.06 -9.30
C ALA A 68 23.14 1.65 -10.18
N THR A 69 23.77 0.53 -9.84
CA THR A 69 24.89 0.05 -10.69
C THR A 69 24.60 -1.40 -10.96
N LEU A 70 24.53 -1.81 -12.24
CA LEU A 70 24.21 -3.21 -12.57
C LEU A 70 25.53 -3.94 -12.89
N THR A 71 25.63 -5.22 -12.52
CA THR A 71 26.81 -6.00 -12.76
C THR A 71 26.30 -7.42 -13.00
N ALA A 72 27.12 -8.26 -13.66
CA ALA A 72 26.66 -9.63 -13.94
C ALA A 72 27.88 -10.55 -13.84
N ASP A 73 27.63 -11.79 -13.41
CA ASP A 73 28.71 -12.78 -13.20
C ASP A 73 28.37 -13.89 -14.15
N LYS A 74 29.13 -14.03 -15.24
CA LYS A 74 28.95 -15.01 -16.23
C LYS A 74 29.05 -16.43 -15.71
N SER A 75 29.93 -16.69 -14.75
CA SER A 75 30.02 -18.08 -14.26
C SER A 75 28.85 -18.45 -13.37
N SER A 76 28.53 -17.57 -12.41
CA SER A 76 27.43 -17.81 -11.49
C SER A 76 26.06 -17.63 -12.07
N SER A 77 25.91 -17.04 -13.28
CA SER A 77 24.60 -16.75 -13.89
C SER A 77 23.73 -15.93 -12.96
N THR A 78 24.32 -14.89 -12.37
CA THR A 78 23.67 -13.97 -11.45
C THR A 78 23.94 -12.50 -11.89
N THR A 79 22.91 -11.68 -11.79
CA THR A 79 23.05 -10.25 -12.06
C THR A 79 22.85 -9.63 -10.65
N TYR A 80 23.56 -8.53 -10.37
CA TYR A 80 23.42 -7.82 -9.13
C TYR A 80 23.07 -6.35 -9.42
N MET A 81 22.33 -5.77 -8.51
CA MET A 81 22.07 -4.33 -8.59
C MET A 81 22.53 -3.75 -7.27
N GLN A 82 23.40 -2.74 -7.32
CA GLN A 82 23.85 -2.11 -6.15
C GLN A 82 23.17 -0.73 -6.07
N LEU A 83 22.55 -0.41 -4.96
CA LEU A 83 21.93 0.91 -4.72
C LEU A 83 22.82 1.67 -3.72
N SER A 84 23.17 2.91 -4.08
CA SER A 84 24.05 3.74 -3.29
C SER A 84 23.38 4.94 -2.70
N SER A 85 24.00 5.47 -1.65
CA SER A 85 23.62 6.66 -0.88
C SER A 85 22.12 6.64 -0.63
N LEU A 86 21.66 5.60 0.06
CA LEU A 86 20.19 5.48 0.20
C LEU A 86 19.45 6.59 0.99
N THR A 87 18.25 6.88 0.56
CA THR A 87 17.35 7.83 1.18
C THR A 87 16.02 7.11 1.24
N SER A 88 15.01 7.72 1.92
CA SER A 88 13.71 7.11 2.05
C SER A 88 13.04 6.92 0.75
N GLU A 89 13.45 7.70 -0.29
CA GLU A 89 12.73 7.56 -1.56
C GLU A 89 13.16 6.28 -2.26
N ASP A 90 14.22 5.73 -1.69
CA ASP A 90 14.72 4.42 -2.21
C ASP A 90 13.99 3.20 -1.66
N SER A 91 13.07 3.34 -0.65
CA SER A 91 12.36 2.14 -0.13
C SER A 91 11.45 1.71 -1.20
N ALA A 92 11.53 0.45 -1.62
CA ALA A 92 10.74 -0.01 -2.72
C ALA A 92 10.95 -1.44 -2.93
N VAL A 93 10.10 -2.05 -3.77
CA VAL A 93 10.34 -3.40 -4.21
C VAL A 93 11.17 -3.29 -5.47
N TYR A 94 12.23 -4.12 -5.60
CA TYR A 94 13.02 -4.04 -6.77
C TYR A 94 12.92 -5.37 -7.48
N PHE A 95 12.69 -5.34 -8.81
CA PHE A 95 12.50 -6.55 -9.66
C PHE A 95 13.59 -6.75 -10.68
N CYS A 96 13.92 -8.03 -10.96
CA CYS A 96 14.86 -8.47 -11.96
C CYS A 96 14.00 -9.02 -13.09
N ALA A 97 14.33 -8.82 -14.39
CA ALA A 97 13.48 -9.41 -15.46
C ALA A 97 14.39 -9.75 -16.65
N ARG A 98 14.12 -10.83 -17.34
CA ARG A 98 14.95 -11.20 -18.52
C ARG A 98 14.27 -10.65 -19.78
N SER A 99 15.04 -10.25 -20.79
CA SER A 99 14.46 -9.63 -22.00
C SER A 99 13.56 -10.55 -22.80
N VAL A 100 12.46 -10.01 -23.38
CA VAL A 100 12.04 -8.58 -23.26
C VAL A 100 10.86 -8.48 -22.27
N PHE A 101 11.23 -8.39 -20.99
CA PHE A 101 10.30 -8.41 -19.85
C PHE A 101 9.57 -9.74 -19.95
N ALA A 102 10.22 -10.71 -20.60
CA ALA A 102 9.60 -12.06 -20.74
C ALA A 102 9.44 -12.91 -19.44
N TYR A 103 10.41 -12.81 -18.51
CA TYR A 103 10.38 -13.58 -17.28
C TYR A 103 10.77 -12.66 -16.16
N TRP A 104 10.23 -12.93 -14.97
CA TRP A 104 10.43 -12.01 -13.85
C TRP A 104 10.86 -12.66 -12.60
N GLY A 105 11.72 -11.98 -11.86
CA GLY A 105 12.10 -12.44 -10.52
C GLY A 105 10.98 -12.03 -9.58
N GLN A 106 10.95 -12.55 -8.35
CA GLN A 106 9.83 -12.30 -7.40
C GLN A 106 9.79 -10.98 -6.73
N GLY A 107 10.85 -10.14 -6.88
CA GLY A 107 10.84 -8.86 -6.23
C GLY A 107 11.66 -8.97 -4.90
N THR A 108 12.30 -7.91 -4.56
CA THR A 108 13.05 -7.79 -3.31
C THR A 108 12.69 -6.45 -2.69
N LEU A 109 12.14 -6.49 -1.51
CA LEU A 109 11.76 -5.25 -0.84
C LEU A 109 12.92 -4.62 -0.09
N VAL A 110 13.19 -3.39 -0.37
CA VAL A 110 14.25 -2.68 0.31
C VAL A 110 13.60 -1.59 1.11
N THR A 111 13.87 -1.57 2.47
CA THR A 111 13.37 -0.57 3.39
C THR A 111 14.47 0.25 3.94
N VAL A 112 14.42 1.61 3.73
CA VAL A 112 15.50 2.51 4.30
C VAL A 112 14.98 3.19 5.57
N SER A 113 15.69 3.08 6.65
CA SER A 113 15.29 3.72 7.88
C SER A 113 16.47 3.77 8.82
N ALA A 114 16.58 4.86 9.57
CA ALA A 114 17.64 5.01 10.55
C ALA A 114 17.27 4.24 11.82
N ALA A 115 15.99 3.72 11.90
CA ALA A 115 15.59 3.09 13.16
C ALA A 115 16.20 1.74 13.57
N LYS A 116 16.40 1.58 14.86
CA LYS A 116 16.80 0.30 15.45
C LYS A 116 15.50 -0.52 15.59
N THR A 117 15.61 -1.88 15.83
CA THR A 117 14.39 -2.62 16.09
C THR A 117 13.71 -1.92 17.32
N THR A 118 12.38 -1.64 17.20
CA THR A 118 11.58 -0.92 18.18
C THR A 118 10.17 -1.47 18.32
N PRO A 119 9.80 -1.98 19.49
CA PRO A 119 8.43 -2.52 19.68
C PRO A 119 7.42 -1.45 19.60
N PRO A 120 6.19 -1.76 19.19
CA PRO A 120 5.14 -0.74 19.10
C PRO A 120 4.60 -0.19 20.42
N SER A 121 4.16 1.07 20.45
CA SER A 121 3.40 1.53 21.61
C SER A 121 1.98 1.19 21.19
N VAL A 122 1.15 0.60 22.05
CA VAL A 122 -0.23 0.31 21.62
C VAL A 122 -1.22 1.13 22.34
N TYR A 123 -2.08 1.88 21.65
CA TYR A 123 -2.96 2.81 22.38
C TYR A 123 -4.39 2.55 22.09
N PRO A 124 -5.26 2.64 23.11
CA PRO A 124 -6.69 2.42 22.92
C PRO A 124 -7.34 3.45 22.05
N LEU A 125 -8.34 3.06 21.28
CA LEU A 125 -9.12 4.00 20.51
C LEU A 125 -10.56 3.72 20.93
N ALA A 126 -11.08 4.58 21.78
CA ALA A 126 -12.43 4.48 22.28
C ALA A 126 -13.14 5.74 21.87
N PRO A 127 -14.44 5.69 21.71
CA PRO A 127 -15.20 6.87 21.29
C PRO A 127 -15.08 8.02 22.23
N GLY A 128 -15.08 9.22 21.67
CA GLY A 128 -14.93 10.39 22.51
C GLY A 128 -16.18 10.71 23.32
N SER A 129 -17.33 10.10 22.95
CA SER A 129 -18.62 10.30 23.63
C SER A 129 -19.75 9.85 22.67
N ALA A 130 -20.97 10.36 22.87
CA ALA A 130 -22.13 10.05 22.03
C ALA A 130 -22.42 8.56 21.98
N ALA A 131 -22.49 7.90 23.14
CA ALA A 131 -22.80 6.48 23.10
C ALA A 131 -24.17 6.28 22.46
N GLN A 132 -24.32 5.34 21.56
CA GLN A 132 -25.66 5.11 21.05
C GLN A 132 -25.99 3.69 21.35
N THR A 133 -27.20 3.42 21.77
CA THR A 133 -27.63 2.14 22.31
C THR A 133 -28.44 1.39 21.24
N ASN A 134 -28.46 0.05 21.33
CA ASN A 134 -29.14 -0.85 20.40
C ASN A 134 -28.55 -0.70 19.00
N SER A 135 -27.22 -0.58 18.91
CA SER A 135 -26.57 -0.37 17.65
C SER A 135 -25.20 -0.95 17.65
N MET A 136 -24.32 -0.34 16.87
CA MET A 136 -22.96 -0.82 16.82
C MET A 136 -22.07 0.31 17.26
N VAL A 137 -20.98 -0.05 17.90
CA VAL A 137 -19.97 0.92 18.29
C VAL A 137 -18.62 0.45 17.62
N THR A 138 -17.81 1.39 17.20
CA THR A 138 -16.57 1.05 16.60
C THR A 138 -15.48 1.42 17.56
N LEU A 139 -14.56 0.48 17.82
CA LEU A 139 -13.46 0.80 18.69
C LEU A 139 -12.18 0.50 17.87
N GLY A 140 -11.05 0.71 18.45
CA GLY A 140 -9.81 0.39 17.75
C GLY A 140 -8.57 0.40 18.59
N CYS A 141 -7.46 0.03 17.92
CA CYS A 141 -6.17 0.09 18.58
C CYS A 141 -5.18 0.83 17.69
N LEU A 142 -4.44 1.84 18.25
CA LEU A 142 -3.39 2.55 17.48
C LEU A 142 -2.01 1.83 17.83
N VAL A 143 -1.35 1.23 16.83
CA VAL A 143 -0.08 0.51 16.99
C VAL A 143 0.98 1.44 16.46
N LYS A 144 1.72 2.08 17.34
CA LYS A 144 2.59 3.16 16.86
C LYS A 144 4.09 3.09 17.16
N GLY A 145 4.87 3.62 16.22
CA GLY A 145 6.32 3.73 16.37
C GLY A 145 7.09 2.41 16.42
N TYR A 146 6.72 1.37 15.63
CA TYR A 146 7.47 0.13 15.66
C TYR A 146 8.40 -0.03 14.50
N PHE A 147 9.36 -0.90 14.64
CA PHE A 147 10.28 -1.21 13.53
C PHE A 147 10.96 -2.52 13.81
N PRO A 148 11.12 -3.40 12.84
CA PRO A 148 10.71 -3.35 11.44
C PRO A 148 9.30 -3.97 11.35
N GLU A 149 8.78 -4.11 10.14
CA GLU A 149 7.53 -4.84 9.94
C GLU A 149 7.84 -6.32 10.25
N PRO A 150 6.85 -7.12 10.59
CA PRO A 150 5.45 -6.74 10.69
C PRO A 150 4.91 -6.85 12.08
N VAL A 151 3.62 -6.57 12.21
CA VAL A 151 2.94 -6.80 13.49
C VAL A 151 1.68 -7.61 13.17
N THR A 152 1.21 -8.39 14.16
CA THR A 152 -0.08 -9.09 13.95
C THR A 152 -1.07 -8.52 14.95
N VAL A 153 -2.24 -8.11 14.52
CA VAL A 153 -3.25 -7.58 15.46
C VAL A 153 -4.45 -8.51 15.48
N THR A 154 -4.96 -8.91 16.69
CA THR A 154 -6.11 -9.76 16.77
C THR A 154 -6.99 -9.11 17.83
N TRP A 155 -8.31 -9.42 17.79
CA TRP A 155 -9.25 -8.86 18.74
C TRP A 155 -9.89 -9.96 19.61
N ASN A 156 -9.95 -9.72 20.90
CA ASN A 156 -10.45 -10.66 21.91
C ASN A 156 -9.84 -12.05 21.64
N SER A 157 -8.53 -12.07 21.28
CA SER A 157 -7.79 -13.27 20.93
C SER A 157 -8.55 -14.10 19.88
N GLY A 158 -9.08 -13.42 18.85
CA GLY A 158 -9.82 -14.10 17.79
C GLY A 158 -11.32 -14.18 18.00
N SER A 159 -11.82 -13.78 19.20
CA SER A 159 -13.27 -13.87 19.43
C SER A 159 -14.04 -12.81 18.66
N LEU A 160 -13.46 -11.63 18.51
CA LEU A 160 -14.09 -10.57 17.73
C LEU A 160 -13.44 -10.54 16.38
N SER A 161 -14.18 -11.02 15.39
CA SER A 161 -13.72 -11.09 14.00
C SER A 161 -14.76 -10.43 13.10
N SER A 162 -15.98 -10.28 13.61
CA SER A 162 -17.06 -9.65 12.88
C SER A 162 -16.79 -8.14 12.89
N GLY A 163 -16.67 -7.54 11.72
CA GLY A 163 -16.47 -6.10 11.68
C GLY A 163 -15.08 -5.68 12.09
N VAL A 164 -14.05 -6.50 11.76
CA VAL A 164 -12.67 -6.15 12.08
C VAL A 164 -11.83 -5.87 10.83
N HIS A 165 -11.01 -4.83 10.84
CA HIS A 165 -10.05 -4.72 9.75
C HIS A 165 -8.85 -3.90 10.24
N THR A 166 -7.68 -4.24 9.76
CA THR A 166 -6.48 -3.52 10.14
C THR A 166 -5.93 -2.69 8.94
N PHE A 167 -5.65 -1.40 9.10
CA PHE A 167 -5.19 -0.61 7.99
C PHE A 167 -3.72 -0.90 7.76
N PRO A 168 -3.31 -0.81 6.51
CA PRO A 168 -1.89 -1.03 6.19
C PRO A 168 -1.00 -0.02 6.93
N ALA A 169 0.19 -0.47 7.33
CA ALA A 169 1.14 0.39 8.01
C ALA A 169 1.77 1.47 7.13
N VAL A 170 2.11 2.54 7.74
CA VAL A 170 2.73 3.66 7.05
C VAL A 170 4.03 3.97 7.73
N LEU A 171 5.09 4.02 6.92
CA LEU A 171 6.42 4.35 7.49
C LEU A 171 6.63 5.87 7.55
N GLN A 172 6.60 6.45 8.77
CA GLN A 172 6.80 7.88 8.95
C GLN A 172 7.92 8.17 9.91
N SER A 173 8.84 9.10 9.52
CA SER A 173 9.95 9.46 10.41
C SER A 173 10.65 8.21 10.90
N ASP A 174 10.96 7.30 9.99
CA ASP A 174 11.73 6.07 10.27
C ASP A 174 10.96 4.98 10.99
N LEU A 175 9.75 5.26 11.54
CA LEU A 175 9.01 4.19 12.23
C LEU A 175 7.64 3.96 11.59
N TYR A 176 7.10 2.74 11.74
CA TYR A 176 5.79 2.37 11.18
C TYR A 176 4.65 2.71 12.16
N THR A 177 3.47 2.94 11.61
CA THR A 177 2.32 3.16 12.48
C THR A 177 1.13 2.51 11.71
N LEU A 178 0.25 1.82 12.42
CA LEU A 178 -1.01 1.25 11.84
C LEU A 178 -2.10 1.32 12.91
N SER A 179 -3.36 1.13 12.50
CA SER A 179 -4.49 1.17 13.43
C SER A 179 -5.40 0.00 13.02
N SER A 180 -6.24 -0.46 13.93
CA SER A 180 -7.13 -1.60 13.63
C SER A 180 -8.46 -1.18 14.21
N SER A 181 -9.53 -1.64 13.56
CA SER A 181 -10.84 -1.23 13.85
C SER A 181 -11.64 -2.46 14.20
N VAL A 182 -12.65 -2.31 15.10
CA VAL A 182 -13.51 -3.47 15.39
C VAL A 182 -14.86 -2.76 15.68
N THR A 183 -15.90 -3.37 15.23
CA THR A 183 -17.28 -2.99 15.38
C THR A 183 -18.03 -4.16 16.04
N VAL A 184 -18.70 -3.87 17.17
CA VAL A 184 -19.46 -4.80 17.97
C VAL A 184 -20.80 -4.20 18.37
N PRO A 185 -21.77 -5.04 18.73
CA PRO A 185 -23.07 -4.48 19.13
C PRO A 185 -22.91 -3.60 20.35
N SER A 186 -23.66 -2.51 20.49
CA SER A 186 -23.53 -1.67 21.69
C SER A 186 -23.91 -2.36 23.00
N SER A 187 -24.76 -3.41 22.95
CA SER A 187 -25.14 -4.12 24.18
C SER A 187 -23.96 -4.91 24.76
N THR A 188 -22.95 -5.18 23.92
CA THR A 188 -21.78 -5.96 24.33
C THR A 188 -20.59 -5.15 24.84
N TRP A 189 -20.63 -3.82 24.68
CA TRP A 189 -19.54 -3.01 25.19
C TRP A 189 -20.07 -1.72 25.68
N PRO A 190 -19.58 -1.17 26.82
CA PRO A 190 -18.53 -1.67 27.73
C PRO A 190 -18.93 -2.81 28.66
N SER A 191 -20.17 -3.36 28.56
CA SER A 191 -20.59 -4.39 29.53
C SER A 191 -19.71 -5.61 29.47
N GLU A 192 -19.12 -5.85 28.30
CA GLU A 192 -18.21 -6.97 28.11
C GLU A 192 -16.92 -6.43 27.57
N THR A 193 -15.84 -7.09 27.94
CA THR A 193 -14.51 -6.58 27.60
C THR A 193 -14.11 -6.71 26.12
N VAL A 194 -13.35 -5.71 25.59
CA VAL A 194 -12.89 -5.78 24.22
C VAL A 194 -11.41 -5.55 24.29
N THR A 195 -10.63 -6.45 23.78
CA THR A 195 -9.16 -6.31 23.86
C THR A 195 -8.43 -6.59 22.59
N CYS A 196 -7.39 -5.76 22.24
CA CYS A 196 -6.63 -6.05 21.04
C CYS A 196 -5.33 -6.69 21.45
N ASN A 197 -4.90 -7.66 20.69
CA ASN A 197 -3.63 -8.37 20.99
C ASN A 197 -2.66 -8.00 19.88
N VAL A 198 -1.46 -7.52 20.23
CA VAL A 198 -0.52 -7.05 19.23
C VAL A 198 0.82 -7.74 19.40
N ALA A 199 1.19 -8.54 18.40
CA ALA A 199 2.47 -9.23 18.34
C ALA A 199 3.46 -8.54 17.41
N HIS A 200 4.71 -8.42 17.86
CA HIS A 200 5.84 -7.79 17.11
C HIS A 200 7.02 -8.76 17.26
N PRO A 201 7.09 -9.79 16.41
CA PRO A 201 8.17 -10.78 16.48
C PRO A 201 9.60 -10.23 16.41
N ALA A 202 9.96 -9.15 15.66
CA ALA A 202 11.38 -8.75 15.70
C ALA A 202 11.82 -8.34 17.07
N SER A 203 10.90 -7.72 17.85
CA SER A 203 11.28 -7.38 19.19
C SER A 203 10.83 -8.40 20.23
N SER A 204 10.19 -9.53 19.81
CA SER A 204 9.72 -10.56 20.71
C SER A 204 8.74 -10.00 21.72
N THR A 205 7.94 -8.99 21.31
CA THR A 205 6.96 -8.45 22.26
C THR A 205 5.54 -8.85 21.91
N LYS A 206 4.72 -8.92 22.94
CA LYS A 206 3.33 -9.28 22.67
C LYS A 206 2.59 -8.54 23.73
N VAL A 207 1.58 -7.79 23.32
CA VAL A 207 0.85 -6.97 24.31
C VAL A 207 -0.65 -7.03 24.12
N ASP A 208 -1.42 -6.85 25.22
CA ASP A 208 -2.87 -6.85 25.19
C ASP A 208 -3.30 -5.45 25.64
N LYS A 209 -4.36 -4.90 25.04
CA LYS A 209 -4.83 -3.58 25.46
C LYS A 209 -6.36 -3.59 25.48
N LYS A 210 -6.94 -3.62 26.70
CA LYS A 210 -8.39 -3.56 26.86
C LYS A 210 -8.89 -2.16 26.52
N ILE A 211 -10.01 -2.06 25.79
CA ILE A 211 -10.57 -0.77 25.44
C ILE A 211 -11.63 -0.38 26.50
N VAL A 212 -11.47 0.74 27.19
CA VAL A 212 -12.44 1.19 28.17
C VAL A 212 -12.97 2.57 27.76
N PRO A 213 -14.17 2.89 28.24
CA PRO A 213 -14.77 4.17 27.91
C PRO A 213 -13.91 5.38 28.31
N ARG A 214 -13.99 6.37 27.44
CA ARG A 214 -13.36 7.62 27.61
C ARG A 214 -14.05 8.40 28.73
N ASP A 215 -13.26 9.07 29.54
CA ASP A 215 -13.71 9.96 30.56
C ASP A 215 -12.52 10.87 30.91
N CYS A 216 -12.56 11.56 32.04
CA CYS A 216 -11.42 12.46 32.30
C CYS A 216 -10.33 11.71 33.08
N GLY A 217 -10.59 10.42 33.35
CA GLY A 217 -9.68 9.61 34.14
C GLY A 217 -8.25 9.46 33.65
N LYS A 218 -7.33 9.68 34.58
CA LYS A 218 -5.93 9.44 34.37
C LYS A 218 -5.62 8.00 34.84
N HIS A 219 -4.54 7.48 34.32
CA HIS A 219 -3.96 6.17 34.63
C HIS A 219 -4.77 4.95 34.22
N HIS A 220 -5.72 5.02 33.21
CA HIS A 220 -6.50 3.80 32.92
C HIS A 220 -5.58 2.72 32.40
N HIS A 221 -4.54 3.15 31.72
CA HIS A 221 -3.56 2.31 31.10
C HIS A 221 -2.77 1.51 32.12
N HIS A 222 -2.70 1.97 33.39
CA HIS A 222 -1.93 1.12 34.33
C HIS A 222 -2.79 -0.01 34.78
N HIS A 223 -4.06 0.15 34.53
CA HIS A 223 -5.02 -0.86 34.93
C HIS A 223 -5.71 -1.53 33.74
N HIS A 224 -5.26 -1.25 32.49
CA HIS A 224 -5.95 -1.85 31.32
C HIS A 224 -5.02 -2.01 30.10
N ASP B 1 12.02 8.78 -24.36
CA ASP B 1 11.22 9.78 -23.69
C ASP B 1 9.79 9.60 -24.14
N ILE B 2 9.52 8.48 -24.83
CA ILE B 2 8.15 8.18 -25.26
C ILE B 2 7.24 8.10 -24.08
N VAL B 3 6.08 8.75 -24.19
CA VAL B 3 5.10 8.75 -23.12
C VAL B 3 4.00 7.76 -23.42
N LEU B 4 3.67 6.90 -22.45
CA LEU B 4 2.61 5.95 -22.58
C LEU B 4 1.60 6.45 -21.55
N THR B 5 0.38 6.68 -21.99
CA THR B 5 -0.70 7.20 -21.14
C THR B 5 -1.66 6.07 -21.02
N GLN B 6 -1.73 5.43 -19.85
CA GLN B 6 -2.61 4.35 -19.60
C GLN B 6 -3.84 4.87 -18.94
N SER B 7 -4.96 4.35 -19.27
CA SER B 7 -6.22 4.81 -18.79
C SER B 7 -7.25 3.69 -18.69
N PRO B 8 -8.15 3.59 -17.71
CA PRO B 8 -8.24 4.56 -16.62
C PRO B 8 -7.28 4.05 -15.52
N SER B 9 -6.84 4.85 -14.58
CA SER B 9 -5.97 4.30 -13.52
C SER B 9 -6.81 3.35 -12.65
N SER B 10 -8.18 3.61 -12.54
CA SER B 10 -9.02 2.66 -11.80
C SER B 10 -10.18 2.27 -12.66
N LEU B 11 -10.46 0.91 -12.83
CA LEU B 11 -11.59 0.52 -13.68
C LEU B 11 -12.56 -0.34 -12.89
N SER B 12 -13.83 0.12 -12.76
CA SER B 12 -14.75 -0.68 -11.98
C SER B 12 -15.40 -1.64 -12.91
N ALA B 13 -15.49 -2.90 -12.52
CA ALA B 13 -16.04 -3.82 -13.49
C ALA B 13 -16.68 -4.96 -12.77
N SER B 14 -17.30 -5.87 -13.52
CA SER B 14 -18.02 -6.92 -12.82
C SER B 14 -17.63 -8.26 -13.38
N LEU B 15 -17.86 -9.32 -12.59
CA LEU B 15 -17.55 -10.68 -13.11
C LEU B 15 -18.28 -10.96 -14.46
N GLY B 16 -17.56 -11.55 -15.47
CA GLY B 16 -18.20 -11.91 -16.72
C GLY B 16 -18.30 -10.79 -17.73
N GLU B 17 -17.91 -9.58 -17.34
CA GLU B 17 -17.99 -8.52 -18.33
C GLU B 17 -16.74 -8.41 -19.15
N ARG B 18 -16.92 -7.84 -20.37
CA ARG B 18 -15.80 -7.58 -21.27
C ARG B 18 -15.24 -6.25 -20.91
N VAL B 19 -13.90 -6.11 -20.86
CA VAL B 19 -13.37 -4.79 -20.58
C VAL B 19 -12.16 -4.61 -21.48
N SER B 20 -11.73 -3.33 -21.69
CA SER B 20 -10.58 -3.02 -22.50
C SER B 20 -9.81 -1.90 -21.84
N LEU B 21 -8.54 -2.20 -21.53
CA LEU B 21 -7.61 -1.24 -20.97
C LEU B 21 -6.93 -0.54 -22.16
N THR B 22 -6.51 0.75 -22.03
CA THR B 22 -5.99 1.42 -23.17
C THR B 22 -4.72 2.10 -22.85
N CYS B 23 -3.81 2.14 -23.83
CA CYS B 23 -2.49 2.73 -23.68
C CYS B 23 -2.19 3.53 -24.98
N ARG B 24 -2.08 4.86 -24.89
CA ARG B 24 -1.83 5.69 -26.03
C ARG B 24 -0.39 6.08 -25.97
N ALA B 25 0.32 5.79 -27.04
CA ALA B 25 1.73 6.10 -27.14
C ALA B 25 1.88 7.48 -27.79
N SER B 26 2.76 8.27 -27.24
CA SER B 26 3.03 9.65 -27.72
C SER B 26 3.74 9.70 -29.05
N GLN B 27 4.36 8.57 -29.46
CA GLN B 27 5.04 8.46 -30.74
C GLN B 27 4.74 7.09 -31.31
N ASP B 28 4.94 6.91 -32.60
CA ASP B 28 4.71 5.62 -33.21
C ASP B 28 5.65 4.65 -32.55
N ILE B 29 5.15 3.49 -32.12
CA ILE B 29 6.07 2.50 -31.54
C ILE B 29 5.88 1.18 -32.24
N GLY B 30 5.15 1.20 -33.33
CA GLY B 30 4.92 -0.01 -34.08
C GLY B 30 4.25 -1.03 -33.22
N SER B 31 4.75 -2.25 -33.29
CA SER B 31 4.16 -3.35 -32.53
C SER B 31 4.90 -3.63 -31.22
N ARG B 32 5.82 -2.80 -30.85
CA ARG B 32 6.66 -3.09 -29.72
C ARG B 32 6.06 -2.60 -28.41
N LEU B 33 5.02 -3.23 -28.03
CA LEU B 33 4.29 -2.94 -26.79
C LEU B 33 3.93 -4.23 -26.11
N ASN B 34 4.23 -4.29 -24.81
CA ASN B 34 3.90 -5.47 -24.04
C ASN B 34 2.90 -5.13 -22.92
N TRP B 35 2.20 -6.11 -22.44
CA TRP B 35 1.30 -5.85 -21.34
C TRP B 35 1.73 -6.77 -20.21
N LEU B 36 1.80 -6.23 -18.99
CA LEU B 36 2.09 -7.01 -17.85
C LEU B 36 0.96 -7.01 -16.88
N GLN B 37 0.91 -8.12 -16.14
CA GLN B 37 -0.06 -8.28 -15.07
C GLN B 37 0.64 -8.41 -13.69
N GLN B 38 0.13 -7.72 -12.69
CA GLN B 38 0.68 -7.84 -11.34
C GLN B 38 -0.32 -8.20 -10.23
N LYS B 39 -0.08 -9.36 -9.63
CA LYS B 39 -0.96 -9.91 -8.58
C LYS B 39 -0.73 -9.16 -7.25
N PRO B 40 -1.70 -9.22 -6.31
CA PRO B 40 -1.53 -8.51 -5.05
C PRO B 40 -0.29 -8.92 -4.26
N ASP B 41 0.20 -10.17 -4.36
CA ASP B 41 1.37 -10.60 -3.63
C ASP B 41 2.63 -9.97 -4.23
N GLY B 42 2.43 -9.14 -5.27
CA GLY B 42 3.52 -8.43 -5.93
C GLY B 42 4.07 -9.15 -7.15
N THR B 43 3.71 -10.40 -7.38
CA THR B 43 4.35 -11.05 -8.54
C THR B 43 3.89 -10.47 -9.89
N ILE B 44 4.81 -10.40 -10.87
CA ILE B 44 4.55 -9.90 -12.18
C ILE B 44 4.70 -10.95 -13.21
N LYS B 45 3.84 -10.85 -14.25
CA LYS B 45 3.86 -11.76 -15.38
C LYS B 45 3.54 -11.02 -16.65
N ARG B 46 4.17 -11.46 -17.78
CA ARG B 46 3.86 -10.82 -19.06
C ARG B 46 2.71 -11.57 -19.64
N LEU B 47 1.76 -10.82 -20.10
CA LEU B 47 0.57 -11.41 -20.68
C LEU B 47 0.61 -11.41 -22.16
N ILE B 48 1.13 -10.37 -22.74
CA ILE B 48 1.12 -10.21 -24.16
C ILE B 48 2.36 -9.54 -24.62
N HIS B 49 2.88 -9.95 -25.72
CA HIS B 49 4.10 -9.31 -26.28
C HIS B 49 3.89 -8.97 -27.75
N GLY B 50 4.55 -7.90 -28.19
CA GLY B 50 4.46 -7.50 -29.57
C GLY B 50 3.06 -7.10 -29.96
N THR B 51 2.32 -6.38 -29.02
CA THR B 51 0.94 -5.93 -29.23
C THR B 51 -0.11 -7.03 -29.18
N SER B 52 0.14 -8.16 -29.80
CA SER B 52 -1.00 -9.14 -29.81
C SER B 52 -0.64 -10.53 -29.52
N ASN B 53 0.66 -10.86 -29.27
CA ASN B 53 0.87 -12.28 -29.00
C ASN B 53 0.65 -12.67 -27.61
N LEU B 54 -0.26 -13.67 -27.34
CA LEU B 54 -0.43 -14.12 -25.98
C LEU B 54 0.79 -14.87 -25.51
N ASP B 55 1.18 -14.62 -24.27
CA ASP B 55 2.31 -15.34 -23.67
C ASP B 55 1.89 -16.75 -23.25
N SER B 56 2.85 -17.72 -23.18
CA SER B 56 2.44 -19.08 -22.78
C SER B 56 1.86 -19.06 -21.41
N GLY B 57 0.79 -19.85 -21.18
CA GLY B 57 0.17 -19.86 -19.86
C GLY B 57 -0.79 -18.69 -19.62
N VAL B 58 -1.21 -18.02 -20.71
CA VAL B 58 -2.14 -16.88 -20.62
C VAL B 58 -3.51 -17.33 -21.10
N PRO B 59 -4.57 -17.21 -20.28
CA PRO B 59 -5.90 -17.67 -20.75
C PRO B 59 -6.35 -16.91 -21.96
N LYS B 60 -7.15 -17.52 -22.89
CA LYS B 60 -7.44 -16.82 -24.13
C LYS B 60 -8.45 -15.72 -23.98
N ARG B 61 -8.97 -15.56 -22.76
CA ARG B 61 -9.89 -14.43 -22.54
C ARG B 61 -9.09 -13.17 -22.70
N PHE B 62 -7.75 -13.30 -22.56
CA PHE B 62 -6.88 -12.13 -22.72
C PHE B 62 -6.47 -11.99 -24.15
N SER B 63 -6.54 -10.80 -24.67
CA SER B 63 -6.13 -10.53 -26.04
C SER B 63 -5.68 -9.07 -26.15
N GLY B 64 -4.93 -8.74 -27.19
CA GLY B 64 -4.38 -7.42 -27.30
C GLY B 64 -4.39 -6.94 -28.73
N SER B 65 -4.59 -5.64 -28.89
CA SER B 65 -4.75 -5.15 -30.23
C SER B 65 -4.28 -3.76 -30.30
N ARG B 66 -4.28 -3.26 -31.50
CA ARG B 66 -3.77 -1.91 -31.75
C ARG B 66 -4.61 -1.15 -32.77
N SER B 67 -4.69 0.15 -32.59
CA SER B 67 -5.46 0.99 -33.51
C SER B 67 -4.78 2.34 -33.62
N GLY B 68 -3.88 2.50 -34.59
CA GLY B 68 -3.14 3.76 -34.64
C GLY B 68 -2.23 3.77 -33.42
N SER B 69 -2.18 4.86 -32.66
CA SER B 69 -1.27 4.85 -31.51
C SER B 69 -1.95 4.35 -30.23
N ASP B 70 -3.17 3.81 -30.35
CA ASP B 70 -3.95 3.33 -29.20
C ASP B 70 -3.92 1.83 -29.16
N TYR B 71 -3.39 1.35 -28.06
CA TYR B 71 -3.15 -0.05 -27.83
C TYR B 71 -4.11 -0.50 -26.78
N SER B 72 -4.52 -1.76 -26.86
CA SER B 72 -5.54 -2.15 -25.94
C SER B 72 -5.41 -3.59 -25.54
N LEU B 73 -5.66 -3.83 -24.25
CA LEU B 73 -5.66 -5.13 -23.67
C LEU B 73 -7.09 -5.42 -23.41
N THR B 74 -7.55 -6.56 -23.89
CA THR B 74 -8.99 -6.81 -23.73
C THR B 74 -9.20 -8.09 -23.02
N ILE B 75 -10.11 -8.06 -22.04
CA ILE B 75 -10.42 -9.31 -21.35
C ILE B 75 -11.81 -9.68 -21.72
N SER B 76 -11.95 -10.85 -22.37
CA SER B 76 -13.29 -11.21 -22.88
C SER B 76 -14.36 -11.47 -21.82
N SER B 77 -13.99 -12.10 -20.69
CA SER B 77 -14.98 -12.32 -19.62
C SER B 77 -14.23 -12.40 -18.32
N LEU B 78 -14.30 -11.30 -17.52
CA LEU B 78 -13.57 -11.21 -16.26
C LEU B 78 -13.85 -12.25 -15.26
N GLU B 79 -12.80 -12.84 -14.77
CA GLU B 79 -12.82 -13.86 -13.75
C GLU B 79 -12.37 -13.21 -12.49
N SER B 80 -12.66 -13.80 -11.36
CA SER B 80 -12.25 -13.08 -10.14
C SER B 80 -10.75 -12.88 -9.97
N GLU B 81 -9.93 -13.72 -10.62
CA GLU B 81 -8.50 -13.59 -10.44
C GLU B 81 -7.96 -12.44 -11.21
N ASP B 82 -8.78 -11.87 -12.11
CA ASP B 82 -8.37 -10.73 -12.92
C ASP B 82 -8.51 -9.34 -12.28
N PHE B 83 -9.12 -9.20 -11.06
CA PHE B 83 -9.28 -7.82 -10.59
C PHE B 83 -7.92 -7.43 -9.93
N VAL B 84 -6.87 -7.12 -10.69
CA VAL B 84 -5.58 -6.77 -10.18
C VAL B 84 -4.94 -5.60 -10.96
N ASP B 85 -3.63 -5.47 -10.97
CA ASP B 85 -2.97 -4.34 -11.63
C ASP B 85 -2.47 -4.77 -13.02
N TYR B 86 -2.44 -3.82 -13.96
CA TYR B 86 -1.97 -4.08 -15.31
C TYR B 86 -1.15 -2.94 -15.78
N TYR B 87 -0.08 -3.23 -16.56
CA TYR B 87 0.76 -2.16 -17.02
C TYR B 87 1.14 -2.36 -18.46
N CYS B 88 1.18 -1.29 -19.24
CA CYS B 88 1.69 -1.42 -20.62
C CYS B 88 3.11 -0.96 -20.64
N LEU B 89 3.92 -1.46 -21.57
CA LEU B 89 5.25 -0.89 -21.67
C LEU B 89 5.74 -0.90 -23.11
N GLN B 90 6.59 0.03 -23.46
CA GLN B 90 7.15 0.04 -24.81
C GLN B 90 8.66 -0.27 -24.84
N TYR B 91 9.10 -1.05 -25.85
CA TYR B 91 10.52 -1.36 -26.05
C TYR B 91 10.97 -0.92 -27.45
N ASP B 92 10.26 0.07 -28.01
CA ASP B 92 10.58 0.57 -29.38
C ASP B 92 11.78 1.51 -29.25
N SER B 93 11.88 2.20 -28.11
CA SER B 93 13.04 3.05 -27.96
C SER B 93 13.50 3.11 -26.53
N SER B 94 14.80 3.37 -26.33
CA SER B 94 15.26 3.45 -24.96
C SER B 94 15.44 4.91 -24.58
N PRO B 95 15.29 5.28 -23.29
CA PRO B 95 14.96 4.33 -22.21
C PRO B 95 13.56 3.66 -22.39
N PHE B 96 13.35 2.39 -21.99
CA PHE B 96 12.06 1.83 -22.12
C PHE B 96 11.14 2.57 -21.11
N THR B 97 9.89 2.73 -21.45
CA THR B 97 8.94 3.39 -20.57
C THR B 97 7.71 2.52 -20.37
N ILE B 98 7.07 2.75 -19.22
CA ILE B 98 5.89 2.01 -18.74
C ILE B 98 4.75 2.96 -18.49
N GLY B 99 3.52 2.52 -18.71
CA GLY B 99 2.38 3.37 -18.38
C GLY B 99 2.20 3.38 -16.85
N SER B 100 1.34 4.23 -16.37
CA SER B 100 1.18 4.34 -14.92
C SER B 100 0.33 3.25 -14.32
N GLY B 101 -0.27 2.42 -15.18
CA GLY B 101 -0.96 1.26 -14.66
C GLY B 101 -2.44 1.39 -14.45
N THR B 102 -3.12 0.22 -14.34
CA THR B 102 -4.53 0.25 -14.17
C THR B 102 -4.87 -0.80 -13.18
N ARG B 103 -5.68 -0.44 -12.20
CA ARG B 103 -6.18 -1.39 -11.21
C ARG B 103 -7.63 -1.67 -11.47
N LEU B 104 -7.99 -2.97 -11.64
CA LEU B 104 -9.41 -3.36 -11.83
C LEU B 104 -10.02 -3.54 -10.50
N GLU B 105 -11.17 -3.00 -10.26
CA GLU B 105 -11.81 -3.27 -8.95
C GLU B 105 -13.27 -3.67 -9.16
N ILE B 106 -13.87 -4.30 -8.14
CA ILE B 106 -15.23 -4.78 -8.30
C ILE B 106 -16.30 -3.70 -8.09
N LYS B 107 -17.08 -3.49 -9.10
CA LYS B 107 -18.17 -2.51 -8.94
C LYS B 107 -19.26 -3.03 -8.05
N ARG B 108 -19.83 -2.18 -7.24
CA ARG B 108 -20.96 -2.50 -6.36
C ARG B 108 -21.76 -1.19 -6.14
N ALA B 109 -22.84 -1.29 -5.46
CA ALA B 109 -23.67 -0.09 -5.20
C ALA B 109 -23.02 0.89 -4.21
N ASP B 110 -23.41 2.10 -4.32
CA ASP B 110 -22.90 3.13 -3.37
C ASP B 110 -23.17 2.80 -1.89
N ALA B 111 -22.20 3.13 -1.04
CA ALA B 111 -22.34 2.87 0.43
C ALA B 111 -21.71 4.02 1.19
N ALA B 112 -22.46 4.65 2.16
CA ALA B 112 -21.97 5.75 2.95
C ALA B 112 -20.97 5.27 4.01
N PRO B 113 -19.90 6.03 4.27
CA PRO B 113 -18.96 5.60 5.29
C PRO B 113 -19.52 5.73 6.73
N THR B 114 -19.04 4.99 7.70
CA THR B 114 -19.39 5.16 9.09
C THR B 114 -18.19 5.90 9.63
N VAL B 115 -18.36 7.08 10.26
CA VAL B 115 -17.18 7.87 10.69
C VAL B 115 -17.01 7.95 12.21
N SER B 116 -15.82 7.59 12.72
CA SER B 116 -15.57 7.64 14.17
C SER B 116 -14.37 8.46 14.45
N ILE B 117 -14.45 9.33 15.47
CA ILE B 117 -13.21 10.19 15.81
C ILE B 117 -12.78 9.65 17.24
N PHE B 118 -11.45 9.54 17.49
CA PHE B 118 -10.90 9.00 18.80
C PHE B 118 -9.88 9.96 19.39
N PRO B 119 -10.16 10.55 20.56
CA PRO B 119 -9.22 11.47 21.20
C PRO B 119 -7.93 10.73 21.60
N PRO B 120 -6.79 11.39 21.74
CA PRO B 120 -5.64 10.57 22.15
C PRO B 120 -5.83 9.95 23.54
N SER B 121 -5.29 8.80 23.79
CA SER B 121 -5.44 8.20 25.09
C SER B 121 -4.48 8.79 26.08
N SER B 122 -4.77 8.60 27.34
CA SER B 122 -3.94 9.19 28.37
C SER B 122 -2.55 8.68 28.35
N GLU B 123 -2.33 7.48 27.96
CA GLU B 123 -0.99 7.02 27.92
C GLU B 123 -0.11 7.80 26.96
N GLN B 124 -0.62 8.08 25.79
CA GLN B 124 0.18 8.73 24.80
C GLN B 124 0.56 10.09 25.24
N LEU B 125 -0.33 10.74 25.96
CA LEU B 125 0.04 12.07 26.36
C LEU B 125 1.16 12.09 27.39
N THR B 126 1.28 11.02 28.21
CA THR B 126 2.38 11.02 29.18
C THR B 126 3.74 10.87 28.50
N SER B 127 3.76 10.30 27.28
CA SER B 127 5.00 10.08 26.56
C SER B 127 5.37 11.26 25.67
N GLY B 128 4.59 12.34 25.74
CA GLY B 128 4.88 13.53 24.93
C GLY B 128 4.20 13.68 23.59
N GLY B 129 3.40 12.69 23.14
CA GLY B 129 2.76 12.85 21.84
C GLY B 129 1.25 12.88 21.87
N ALA B 130 0.61 13.18 20.70
CA ALA B 130 -0.85 13.22 20.68
C ALA B 130 -1.36 12.93 19.26
N SER B 131 -1.79 11.69 19.06
CA SER B 131 -2.35 11.23 17.79
C SER B 131 -3.85 11.14 17.89
N VAL B 132 -4.56 11.97 17.11
CA VAL B 132 -6.03 11.89 17.00
C VAL B 132 -6.36 10.99 15.81
N VAL B 133 -7.31 10.02 15.96
CA VAL B 133 -7.51 9.17 14.79
C VAL B 133 -8.97 9.22 14.35
N CYS B 134 -9.19 9.10 13.06
CA CYS B 134 -10.54 9.04 12.51
C CYS B 134 -10.65 7.83 11.60
N PHE B 135 -11.76 7.08 11.70
CA PHE B 135 -11.97 5.93 10.82
C PHE B 135 -13.13 6.28 9.89
N LEU B 136 -13.02 5.97 8.57
CA LEU B 136 -14.11 6.15 7.63
C LEU B 136 -14.28 4.73 7.17
N ASN B 137 -15.28 4.01 7.68
CA ASN B 137 -15.39 2.58 7.38
C ASN B 137 -16.52 2.20 6.42
N ASN B 138 -16.19 1.19 5.59
CA ASN B 138 -17.07 0.47 4.67
C ASN B 138 -17.83 1.36 3.72
N PHE B 139 -17.09 2.09 2.86
CA PHE B 139 -17.81 2.90 1.97
C PHE B 139 -17.52 2.51 0.58
N TYR B 140 -18.32 3.01 -0.40
CA TYR B 140 -18.06 2.72 -1.81
C TYR B 140 -18.66 3.85 -2.59
N PRO B 141 -18.05 4.38 -3.59
CA PRO B 141 -16.75 4.06 -4.20
C PRO B 141 -15.55 4.53 -3.39
N LYS B 142 -14.35 4.12 -3.83
CA LYS B 142 -13.13 4.39 -3.00
C LYS B 142 -12.80 5.90 -2.74
N ASP B 143 -13.13 6.70 -3.67
CA ASP B 143 -12.80 8.12 -3.56
C ASP B 143 -13.55 8.80 -2.44
N ILE B 144 -12.85 9.61 -1.69
CA ILE B 144 -13.47 10.29 -0.56
C ILE B 144 -12.54 11.41 -0.08
N ASN B 145 -13.12 12.37 0.61
CA ASN B 145 -12.35 13.47 1.11
C ASN B 145 -12.46 13.52 2.62
N VAL B 146 -11.37 13.85 3.26
CA VAL B 146 -11.37 13.96 4.70
C VAL B 146 -10.69 15.22 5.10
N LYS B 147 -11.20 15.89 6.08
CA LYS B 147 -10.52 17.19 6.48
C LYS B 147 -10.37 17.26 8.01
N TRP B 148 -9.19 17.76 8.58
CA TRP B 148 -9.08 17.93 9.99
C TRP B 148 -9.19 19.41 10.26
N LYS B 149 -9.82 19.75 11.37
CA LYS B 149 -9.98 21.08 11.89
C LYS B 149 -9.61 21.12 13.39
N ILE B 150 -8.93 22.19 13.84
CA ILE B 150 -8.55 22.33 15.22
C ILE B 150 -9.14 23.67 15.61
N ASP B 151 -10.06 23.65 16.51
CA ASP B 151 -10.83 24.78 16.92
C ASP B 151 -11.46 25.47 15.71
N GLY B 152 -11.97 24.71 14.71
CA GLY B 152 -12.62 25.33 13.53
C GLY B 152 -11.69 25.74 12.41
N SER B 153 -10.37 25.52 12.55
CA SER B 153 -9.47 25.91 11.50
C SER B 153 -8.92 24.64 10.90
N GLU B 154 -9.11 24.49 9.60
CA GLU B 154 -8.55 23.32 8.91
C GLU B 154 -7.02 23.20 9.08
N ARG B 155 -6.59 21.97 9.38
CA ARG B 155 -5.22 21.63 9.57
C ARG B 155 -4.78 20.63 8.50
N GLN B 156 -3.77 20.99 7.73
CA GLN B 156 -3.31 19.97 6.74
C GLN B 156 -1.96 19.31 7.08
N ASN B 157 -1.07 20.02 7.77
CA ASN B 157 0.25 19.39 8.13
C ASN B 157 0.14 18.32 9.23
N GLY B 158 1.05 17.31 9.26
CA GLY B 158 0.96 16.25 10.26
C GLY B 158 -0.16 15.22 10.09
N VAL B 159 -0.77 15.14 8.89
CA VAL B 159 -1.90 14.23 8.68
C VAL B 159 -1.47 13.03 7.87
N LEU B 160 -1.90 11.81 8.29
CA LEU B 160 -1.46 10.62 7.50
C LEU B 160 -2.60 9.67 7.34
N ASN B 161 -2.95 9.31 6.07
CA ASN B 161 -4.09 8.49 5.66
C ASN B 161 -3.68 7.14 5.15
N SER B 162 -4.54 6.14 5.40
CA SER B 162 -4.22 4.82 4.94
C SER B 162 -5.51 4.15 4.53
N TRP B 163 -5.51 3.47 3.37
CA TRP B 163 -6.73 2.78 2.83
C TRP B 163 -6.54 1.29 2.88
N THR B 164 -7.60 0.58 3.25
CA THR B 164 -7.59 -0.87 3.18
C THR B 164 -7.74 -1.26 1.68
N ASP B 165 -7.43 -2.49 1.37
CA ASP B 165 -7.70 -3.04 0.03
C ASP B 165 -9.23 -3.21 -0.08
N GLN B 166 -9.76 -3.35 -1.29
CA GLN B 166 -11.19 -3.57 -1.43
C GLN B 166 -11.54 -4.81 -0.67
N ASP B 167 -12.58 -4.74 0.17
CA ASP B 167 -12.92 -5.89 0.98
C ASP B 167 -13.33 -7.10 0.16
N SER B 168 -12.74 -8.28 0.49
CA SER B 168 -13.00 -9.52 -0.20
C SER B 168 -14.46 -10.01 -0.05
N LYS B 169 -15.10 -9.66 1.04
CA LYS B 169 -16.49 -10.11 1.31
C LYS B 169 -17.62 -9.16 0.87
N ASP B 170 -17.45 -7.83 0.98
CA ASP B 170 -18.56 -6.94 0.61
C ASP B 170 -18.16 -5.82 -0.37
N SER B 171 -16.89 -5.85 -0.81
CA SER B 171 -16.32 -4.95 -1.83
C SER B 171 -16.27 -3.48 -1.45
N THR B 172 -16.40 -3.16 -0.18
CA THR B 172 -16.27 -1.77 0.29
C THR B 172 -14.80 -1.50 0.59
N TYR B 173 -14.53 -0.25 0.93
CA TYR B 173 -13.24 0.29 1.27
C TYR B 173 -13.30 0.91 2.64
N SER B 174 -12.16 1.07 3.30
CA SER B 174 -12.16 1.79 4.56
C SER B 174 -10.85 2.61 4.60
N MET B 175 -10.87 3.64 5.32
CA MET B 175 -9.71 4.51 5.37
C MET B 175 -9.55 5.04 6.78
N SER B 176 -8.26 5.22 7.29
CA SER B 176 -8.08 5.74 8.58
C SER B 176 -7.26 7.01 8.34
N SER B 177 -7.53 8.04 9.14
CA SER B 177 -6.81 9.31 9.00
C SER B 177 -6.25 9.64 10.38
N THR B 178 -4.96 9.92 10.48
CA THR B 178 -4.37 10.15 11.79
C THR B 178 -3.68 11.47 11.79
N LEU B 179 -3.98 12.30 12.75
CA LEU B 179 -3.40 13.63 12.90
C LEU B 179 -2.49 13.58 14.12
N THR B 180 -1.14 13.88 13.95
CA THR B 180 -0.22 13.79 15.07
C THR B 180 0.38 15.13 15.39
N LEU B 181 0.26 15.49 16.64
CA LEU B 181 0.76 16.77 17.14
C LEU B 181 1.62 16.55 18.35
N THR B 182 2.40 17.58 18.74
CA THR B 182 3.14 17.48 19.98
C THR B 182 2.08 17.47 21.10
N LYS B 183 2.43 16.87 22.28
CA LYS B 183 1.46 16.89 23.35
C LYS B 183 1.09 18.32 23.71
N ASP B 184 2.10 19.23 23.66
CA ASP B 184 1.85 20.61 24.03
C ASP B 184 0.94 21.32 23.07
N GLU B 185 0.98 20.93 21.78
CA GLU B 185 0.12 21.61 20.83
C GLU B 185 -1.30 21.17 21.02
N TYR B 186 -1.50 19.87 21.31
CA TYR B 186 -2.81 19.35 21.49
C TYR B 186 -3.52 20.03 22.68
N GLU B 187 -2.74 20.40 23.74
CA GLU B 187 -3.32 21.04 24.91
C GLU B 187 -3.62 22.54 24.77
N ARG B 188 -3.11 23.17 23.70
CA ARG B 188 -3.37 24.59 23.44
C ARG B 188 -4.70 24.77 22.74
N HIS B 189 -5.39 23.66 22.41
CA HIS B 189 -6.63 23.80 21.68
C HIS B 189 -7.69 22.97 22.29
N ASN B 190 -8.96 23.27 22.01
CA ASN B 190 -10.06 22.56 22.61
C ASN B 190 -10.84 21.65 21.67
N SER B 191 -11.27 22.16 20.54
CA SER B 191 -12.10 21.39 19.65
C SER B 191 -11.36 20.65 18.57
N TYR B 192 -11.76 19.41 18.29
CA TYR B 192 -11.07 18.65 17.22
C TYR B 192 -12.14 18.03 16.37
N THR B 193 -11.96 18.11 15.04
CA THR B 193 -12.97 17.61 14.12
C THR B 193 -12.39 16.84 12.91
N CYS B 194 -13.07 15.73 12.54
CA CYS B 194 -12.80 14.92 11.39
C CYS B 194 -14.06 15.22 10.54
N GLU B 195 -13.89 15.77 9.32
CA GLU B 195 -15.05 16.03 8.43
C GLU B 195 -14.87 15.20 7.16
N ALA B 196 -15.79 14.29 6.91
CA ALA B 196 -15.70 13.46 5.73
C ALA B 196 -16.77 13.87 4.71
N THR B 197 -16.45 13.72 3.47
CA THR B 197 -17.47 13.96 2.44
C THR B 197 -17.28 13.00 1.34
N HIS B 198 -18.38 12.40 0.96
CA HIS B 198 -18.33 11.32 -0.02
C HIS B 198 -19.45 11.51 -1.05
N LYS B 199 -19.43 10.76 -2.20
CA LYS B 199 -20.49 11.07 -3.18
C LYS B 199 -21.89 10.76 -2.56
N THR B 200 -21.93 9.92 -1.53
CA THR B 200 -23.19 9.56 -0.89
C THR B 200 -23.64 10.58 0.10
N SER B 201 -22.83 11.59 0.38
CA SER B 201 -23.19 12.52 1.42
C SER B 201 -24.06 13.63 0.86
N THR B 202 -25.16 13.92 1.55
CA THR B 202 -26.02 15.07 1.14
C THR B 202 -25.33 16.31 1.80
N SER B 203 -24.82 16.14 3.00
CA SER B 203 -24.02 17.19 3.68
C SER B 203 -22.74 16.53 4.25
N PRO B 204 -21.63 17.24 4.51
CA PRO B 204 -20.49 16.53 5.06
C PRO B 204 -20.76 15.91 6.43
N ILE B 205 -20.10 14.83 6.67
CA ILE B 205 -20.27 14.11 7.97
C ILE B 205 -19.25 14.70 8.90
N VAL B 206 -19.73 15.31 9.97
CA VAL B 206 -18.87 15.98 10.94
C VAL B 206 -18.77 15.18 12.20
N LYS B 207 -17.51 14.71 12.55
CA LYS B 207 -17.38 13.99 13.82
C LYS B 207 -16.43 14.79 14.70
N SER B 208 -16.77 15.03 15.94
CA SER B 208 -15.86 15.81 16.75
C SER B 208 -15.93 15.60 18.22
N PHE B 209 -15.00 16.18 18.93
CA PHE B 209 -14.89 16.08 20.39
C PHE B 209 -14.22 17.35 20.92
N ASN B 210 -14.47 17.67 22.20
CA ASN B 210 -13.82 18.81 22.86
C ASN B 210 -12.92 18.21 23.91
N ARG B 211 -11.65 18.65 23.91
CA ARG B 211 -10.67 18.07 24.82
C ARG B 211 -10.96 18.29 26.29
N ASN B 212 -11.61 19.42 26.60
CA ASN B 212 -11.90 19.79 27.96
C ASN B 212 -13.22 19.20 28.39
N GLU B 213 -13.71 18.21 27.63
CA GLU B 213 -14.99 17.64 27.94
C GLU B 213 -15.03 16.13 28.10
N CYS B 214 -15.85 15.72 29.06
CA CYS B 214 -16.21 14.34 29.38
C CYS B 214 -17.55 14.42 30.13
#